data_6B5T
#
_entry.id   6B5T
#
_cell.length_a   41.580
_cell.length_b   70.664
_cell.length_c   163.363
_cell.angle_alpha   90.00
_cell.angle_beta   90.00
_cell.angle_gamma   90.00
#
_symmetry.space_group_name_H-M   'P 21 21 21'
#
loop_
_entity.id
_entity.type
_entity.pdbx_description
1 polymer 'pfCSP peptide 29: ALA-ASN-PRO-ASN-ALA-ASN-PRO-ASN-ALA-ASN-PRO-ASN-ALA'
2 polymer 'CIS42 Fab Heavy chain'
3 polymer 'CIS42 Fab Light chain'
4 non-polymer 'AMMONIUM ION'
5 water water
#
loop_
_entity_poly.entity_id
_entity_poly.type
_entity_poly.pdbx_seq_one_letter_code
_entity_poly.pdbx_strand_id
1 'polypeptide(L)' NANPNANPNANPNAN A
2 'polypeptide(L)'
;(PCA)VQLVQSGSELKKPGASVKVSCKTSGYTFTTYAMNWVRQAPGQGLEWMGWINTNTGNPTYAPGFTGRFVFSFDTSV
STAYLQISSLKAEDTAVYYCARVYSYGVPFDYWGQGTLVTVSSASTKGPSVFPLAPSSKSTSGGTAALGCLVKDYFPEPV
TVSWNSGALTSGVHTFPAVLQSSGLYSLSSVVTVPSSSLGTQTYICNVNHKPSNTKVDKKVEPKSC
;
H
3 'polypeptide(L)'
;QSVLTQPASVSGSPGQSITISCTATSSNVGSFNLVSWYQHHPGKAPKLIIHEVSKRPSGASNRFSGSKSGNTASLTISGL
QAEDEADYYCCSYVGSDTWVFGGGTKLTVLGQPKAAPSVTLFPPSSEELQANKATLVCLISDFYPGAVTVAWKADSSPVK
AGVETTTPSKQSNNKYAASSYLSLTPEQWKSHRSYSCQVTHEGSTVEKTVAPTECS
;
L
#
loop_
_chem_comp.id
_chem_comp.type
_chem_comp.name
_chem_comp.formula
NH4 non-polymer 'AMMONIUM ION' 'H4 N 1'
#
# COMPACT_ATOMS: atom_id res chain seq x y z
N ALA A 2 13.33 -16.65 -29.15
CA ALA A 2 12.96 -15.66 -28.15
C ALA A 2 13.50 -14.27 -28.51
N ASN A 3 14.68 -14.23 -29.13
CA ASN A 3 15.31 -12.98 -29.55
C ASN A 3 15.38 -11.95 -28.43
N PRO A 4 16.03 -12.27 -27.30
CA PRO A 4 16.07 -11.33 -26.18
C PRO A 4 16.91 -10.10 -26.44
N ASN A 5 17.85 -10.15 -27.38
CA ASN A 5 18.76 -9.04 -27.64
C ASN A 5 18.19 -8.15 -28.73
N ALA A 6 17.03 -7.57 -28.42
CA ALA A 6 16.34 -6.69 -29.35
C ALA A 6 17.13 -5.41 -29.60
N ASN A 7 16.95 -4.86 -30.79
CA ASN A 7 17.52 -3.54 -31.09
C ASN A 7 16.80 -2.49 -30.26
N PRO A 8 17.51 -1.73 -29.42
CA PRO A 8 16.82 -0.76 -28.54
C PRO A 8 16.05 0.30 -29.30
N ASN A 9 16.47 0.64 -30.51
CA ASN A 9 15.77 1.64 -31.32
C ASN A 9 14.51 1.10 -31.98
N ALA A 10 14.33 -0.21 -32.04
CA ALA A 10 13.18 -0.78 -32.73
C ALA A 10 11.91 -0.55 -31.93
N ASN A 11 10.79 -0.46 -32.66
CA ASN A 11 9.49 -0.25 -32.05
C ASN A 11 8.74 -1.57 -32.03
N PRO A 12 8.41 -2.13 -30.86
CA PRO A 12 7.73 -3.44 -30.87
C PRO A 12 6.36 -3.42 -31.53
N ASN A 13 5.72 -2.25 -31.64
CA ASN A 13 4.37 -2.13 -32.19
C ASN A 13 4.39 -2.23 -33.72
N ALA A 14 4.98 -3.32 -34.22
CA ALA A 14 5.14 -3.55 -35.66
C ALA A 14 3.80 -3.39 -36.39
N PCA B 1 1.50 17.39 -24.83
CA PCA B 1 2.24 16.48 -23.89
CB PCA B 1 2.28 17.07 -22.48
CG PCA B 1 1.39 18.29 -22.49
CD PCA B 1 1.00 18.44 -23.94
OE PCA B 1 0.33 19.40 -24.31
C PCA B 1 1.55 15.12 -23.85
O PCA B 1 0.30 15.04 -23.98
HA PCA B 1 3.15 16.37 -24.22
HB2 PCA B 1 1.97 16.40 -21.83
HB3 PCA B 1 3.20 17.32 -22.25
HG2 PCA B 1 0.61 18.16 -21.91
HG3 PCA B 1 1.89 19.08 -22.19
N VAL B 2 2.35 14.07 -23.71
CA VAL B 2 1.81 12.72 -23.65
C VAL B 2 1.03 12.56 -22.34
N GLN B 3 -0.17 12.02 -22.43
CA GLN B 3 -1.03 11.86 -21.26
C GLN B 3 -1.81 10.55 -21.35
N LEU B 4 -1.71 9.76 -20.30
CA LEU B 4 -2.52 8.56 -20.11
C LEU B 4 -3.40 8.80 -18.89
N VAL B 5 -4.71 8.83 -19.11
CA VAL B 5 -5.68 9.15 -18.06
C VAL B 5 -6.63 7.98 -17.94
N GLN B 6 -6.63 7.34 -16.77
CA GLN B 6 -7.43 6.15 -16.54
C GLN B 6 -8.72 6.49 -15.82
N SER B 7 -9.65 5.55 -15.87
CA SER B 7 -10.94 5.67 -15.22
C SER B 7 -10.81 5.50 -13.72
N GLY B 8 -11.91 5.76 -13.01
CA GLY B 8 -11.89 5.83 -11.56
C GLY B 8 -11.97 4.49 -10.87
N SER B 9 -11.92 4.57 -9.54
CA SER B 9 -11.87 3.38 -8.69
C SER B 9 -13.12 2.53 -8.85
N GLU B 10 -12.93 1.22 -8.74
CA GLU B 10 -14.00 0.24 -8.90
C GLU B 10 -14.10 -0.61 -7.66
N LEU B 11 -15.34 -0.91 -7.25
CA LEU B 11 -15.61 -1.82 -6.14
C LEU B 11 -16.54 -2.90 -6.64
N LYS B 12 -16.10 -4.16 -6.58
CA LYS B 12 -16.79 -5.26 -7.22
C LYS B 12 -16.88 -6.45 -6.28
N LYS B 13 -17.94 -7.26 -6.47
CA LYS B 13 -18.12 -8.56 -5.85
C LYS B 13 -17.42 -9.64 -6.68
N PRO B 14 -16.94 -10.71 -6.03
CA PRO B 14 -16.38 -11.83 -6.78
C PRO B 14 -17.34 -12.35 -7.83
N GLY B 15 -16.81 -12.66 -9.00
CA GLY B 15 -17.61 -13.13 -10.11
C GLY B 15 -18.14 -12.01 -10.98
N ALA B 16 -18.02 -10.76 -10.55
CA ALA B 16 -18.45 -9.64 -11.36
C ALA B 16 -17.37 -9.33 -12.41
N SER B 17 -17.66 -8.34 -13.23
CA SER B 17 -16.78 -7.95 -14.32
C SER B 17 -16.43 -6.48 -14.15
N VAL B 18 -15.28 -6.10 -14.73
CA VAL B 18 -14.84 -4.71 -14.67
C VAL B 18 -14.12 -4.37 -15.96
N LYS B 19 -14.23 -3.09 -16.35
CA LYS B 19 -13.60 -2.59 -17.57
C LYS B 19 -12.95 -1.26 -17.25
N VAL B 20 -11.62 -1.21 -17.33
CA VAL B 20 -10.84 -0.02 -17.02
C VAL B 20 -10.40 0.62 -18.32
N SER B 21 -10.54 1.92 -18.40
CA SER B 21 -10.20 2.65 -19.62
C SER B 21 -8.91 3.44 -19.40
N CYS B 22 -8.17 3.64 -20.48
CA CYS B 22 -6.91 4.36 -20.47
C CYS B 22 -6.92 5.27 -21.70
N LYS B 23 -7.38 6.51 -21.53
CA LYS B 23 -7.49 7.45 -22.63
C LYS B 23 -6.16 8.16 -22.83
N THR B 24 -5.75 8.30 -24.09
CA THR B 24 -4.47 8.90 -24.42
C THR B 24 -4.66 10.21 -25.17
N SER B 25 -3.61 11.02 -25.14
CA SER B 25 -3.52 12.21 -25.97
C SER B 25 -2.05 12.57 -26.10
N GLY B 26 -1.77 13.50 -27.02
CA GLY B 26 -0.41 13.97 -27.21
C GLY B 26 0.46 13.09 -28.08
N TYR B 27 -0.06 12.00 -28.63
CA TYR B 27 0.70 11.21 -29.60
C TYR B 27 -0.29 10.38 -30.40
N THR B 28 0.21 9.81 -31.50
CA THR B 28 -0.61 8.97 -32.37
C THR B 28 -0.81 7.60 -31.71
N PHE B 29 -2.05 7.34 -31.29
CA PHE B 29 -2.34 6.17 -30.45
C PHE B 29 -1.84 4.88 -31.08
N THR B 30 -2.00 4.72 -32.38
CA THR B 30 -1.66 3.46 -33.03
C THR B 30 -0.17 3.30 -33.32
N THR B 31 0.66 4.31 -33.04
CA THR B 31 2.08 4.18 -33.28
C THR B 31 2.80 3.40 -32.19
N TYR B 32 2.25 3.35 -30.96
CA TYR B 32 2.95 2.74 -29.84
C TYR B 32 2.08 1.74 -29.10
N ALA B 33 2.73 0.69 -28.62
CA ALA B 33 2.07 -0.35 -27.84
C ALA B 33 1.58 0.19 -26.50
N MET B 34 0.50 -0.40 -26.01
CA MET B 34 -0.04 -0.08 -24.70
C MET B 34 0.10 -1.30 -23.80
N ASN B 35 0.83 -1.15 -22.71
CA ASN B 35 1.09 -2.22 -21.77
C ASN B 35 0.26 -2.02 -20.51
N TRP B 36 0.08 -3.09 -19.76
CA TRP B 36 -0.66 -3.05 -18.50
C TRP B 36 0.19 -3.65 -17.39
N VAL B 37 0.11 -3.02 -16.22
CA VAL B 37 0.92 -3.39 -15.06
C VAL B 37 0.04 -3.31 -13.83
N ARG B 38 0.19 -4.29 -12.95
CA ARG B 38 -0.62 -4.45 -11.75
C ARG B 38 0.24 -4.33 -10.50
N GLN B 39 -0.32 -3.77 -9.43
CA GLN B 39 0.29 -3.80 -8.11
C GLN B 39 -0.76 -4.21 -7.08
N ALA B 40 -0.65 -5.44 -6.59
CA ALA B 40 -1.53 -5.94 -5.55
C ALA B 40 -1.05 -5.48 -4.17
N PRO B 41 -1.95 -5.47 -3.18
CA PRO B 41 -1.58 -4.94 -1.86
C PRO B 41 -0.35 -5.63 -1.29
N GLY B 42 0.62 -4.81 -0.89
CA GLY B 42 1.86 -5.33 -0.32
C GLY B 42 2.80 -6.00 -1.28
N GLN B 43 2.59 -5.82 -2.59
CA GLN B 43 3.43 -6.46 -3.59
C GLN B 43 4.03 -5.40 -4.51
N GLY B 44 4.90 -5.87 -5.41
CA GLY B 44 5.55 -5.01 -6.36
C GLY B 44 4.76 -4.90 -7.65
N LEU B 45 5.33 -4.17 -8.60
CA LEU B 45 4.73 -4.07 -9.92
C LEU B 45 4.86 -5.42 -10.63
N GLU B 46 3.83 -5.77 -11.38
CA GLU B 46 3.81 -7.01 -12.15
C GLU B 46 3.35 -6.71 -13.56
N TRP B 47 4.18 -7.04 -14.55
CA TRP B 47 3.82 -6.85 -15.94
C TRP B 47 2.73 -7.84 -16.32
N MET B 48 1.64 -7.32 -16.88
CA MET B 48 0.50 -8.16 -17.26
C MET B 48 0.52 -8.57 -18.73
N GLY B 49 1.02 -7.72 -19.61
CA GLY B 49 0.99 -7.97 -21.04
C GLY B 49 0.85 -6.65 -21.78
N TRP B 50 0.55 -6.76 -23.06
CA TRP B 50 0.35 -5.58 -23.89
C TRP B 50 -0.55 -5.95 -25.06
N ILE B 51 -0.94 -4.91 -25.79
CA ILE B 51 -1.69 -5.08 -27.03
C ILE B 51 -1.03 -4.22 -28.10
N ASN B 52 -0.84 -4.80 -29.29
CA ASN B 52 -0.31 -4.07 -30.42
C ASN B 52 -1.42 -3.22 -31.01
N THR B 53 -1.25 -1.90 -30.97
CA THR B 53 -2.30 -1.01 -31.42
C THR B 53 -2.38 -0.88 -32.94
N ASN B 54 -1.48 -1.54 -33.67
CA ASN B 54 -1.62 -1.66 -35.13
C ASN B 54 -2.34 -2.93 -35.52
N THR B 55 -1.93 -4.07 -34.94
CA THR B 55 -2.47 -5.37 -35.34
C THR B 55 -3.62 -5.84 -34.47
N GLY B 56 -3.78 -5.26 -33.29
CA GLY B 56 -4.72 -5.78 -32.33
C GLY B 56 -4.25 -7.02 -31.59
N ASN B 57 -3.11 -7.59 -31.93
CA ASN B 57 -2.66 -8.81 -31.27
C ASN B 57 -2.38 -8.56 -29.79
N PRO B 58 -3.04 -9.27 -28.88
CA PRO B 58 -2.68 -9.13 -27.47
C PRO B 58 -1.69 -10.18 -27.00
N THR B 59 -0.82 -9.78 -26.08
CA THR B 59 0.13 -10.68 -25.44
C THR B 59 -0.14 -10.64 -23.95
N TYR B 60 -0.39 -11.80 -23.35
CA TYR B 60 -0.68 -11.91 -21.93
C TYR B 60 0.46 -12.69 -21.27
N ALA B 61 1.01 -12.14 -20.20
CA ALA B 61 1.96 -12.87 -19.41
C ALA B 61 1.30 -14.06 -18.73
N PRO B 62 2.08 -15.08 -18.39
CA PRO B 62 1.53 -16.15 -17.57
C PRO B 62 1.03 -15.57 -16.26
N GLY B 63 -0.14 -16.02 -15.84
CA GLY B 63 -0.83 -15.44 -14.73
C GLY B 63 -1.97 -14.53 -15.12
N PHE B 64 -1.98 -14.03 -16.37
CA PHE B 64 -3.03 -13.14 -16.83
C PHE B 64 -3.66 -13.64 -18.13
N THR B 65 -3.69 -14.96 -18.31
CA THR B 65 -4.37 -15.61 -19.41
C THR B 65 -5.62 -16.31 -18.88
N GLY B 66 -6.77 -16.07 -19.51
CA GLY B 66 -7.95 -16.82 -19.14
C GLY B 66 -9.15 -15.93 -18.87
N ARG B 67 -8.90 -14.84 -18.15
CA ARG B 67 -9.96 -13.93 -17.75
C ARG B 67 -9.71 -12.48 -18.10
N PHE B 68 -8.54 -12.14 -18.67
CA PHE B 68 -8.19 -10.75 -18.95
C PHE B 68 -8.27 -10.49 -20.46
N VAL B 69 -8.76 -9.30 -20.82
CA VAL B 69 -8.83 -8.90 -22.22
C VAL B 69 -8.31 -7.48 -22.35
N PHE B 70 -7.27 -7.32 -23.15
CA PHE B 70 -6.83 -6.01 -23.61
C PHE B 70 -7.56 -5.67 -24.89
N SER B 71 -8.01 -4.43 -25.02
CA SER B 71 -8.64 -3.96 -26.25
C SER B 71 -8.35 -2.47 -26.40
N PHE B 72 -8.79 -1.91 -27.53
CA PHE B 72 -8.69 -0.48 -27.74
C PHE B 72 -9.81 -0.02 -28.66
N ASP B 73 -10.03 1.29 -28.67
CA ASP B 73 -10.96 1.94 -29.59
C ASP B 73 -10.22 3.11 -30.21
N THR B 74 -9.76 2.94 -31.45
CA THR B 74 -8.99 3.99 -32.11
C THR B 74 -9.83 5.25 -32.35
N SER B 75 -11.15 5.14 -32.40
CA SER B 75 -11.96 6.33 -32.64
C SER B 75 -11.79 7.35 -31.52
N VAL B 76 -11.28 6.94 -30.36
CA VAL B 76 -11.13 7.83 -29.22
C VAL B 76 -9.77 7.62 -28.55
N SER B 77 -8.85 7.00 -29.29
CA SER B 77 -7.47 6.81 -28.83
C SER B 77 -7.43 6.29 -27.39
N THR B 78 -8.20 5.24 -27.13
CA THR B 78 -8.38 4.69 -25.79
C THR B 78 -8.12 3.20 -25.77
N ALA B 79 -7.34 2.75 -24.79
CA ALA B 79 -7.12 1.33 -24.52
C ALA B 79 -7.98 0.89 -23.35
N TYR B 80 -8.29 -0.40 -23.31
CA TYR B 80 -9.14 -0.93 -22.25
C TYR B 80 -8.59 -2.22 -21.69
N LEU B 81 -8.81 -2.42 -20.40
CA LEU B 81 -8.58 -3.67 -19.70
C LEU B 81 -9.91 -4.16 -19.14
N GLN B 82 -10.32 -5.34 -19.54
CA GLN B 82 -11.51 -5.95 -18.98
C GLN B 82 -11.13 -7.25 -18.28
N ILE B 83 -11.71 -7.45 -17.10
CA ILE B 83 -11.50 -8.65 -16.31
C ILE B 83 -12.84 -9.33 -16.11
N SER B 84 -12.91 -10.61 -16.47
CA SER B 84 -14.11 -11.42 -16.22
C SER B 84 -13.93 -12.24 -14.95
N SER B 85 -15.07 -12.67 -14.40
CA SER B 85 -15.09 -13.55 -13.23
C SER B 85 -14.07 -13.10 -12.17
N LEU B 86 -14.21 -11.85 -11.76
CA LEU B 86 -13.30 -11.24 -10.80
C LEU B 86 -13.11 -12.12 -9.56
N LYS B 87 -11.87 -12.18 -9.08
CA LYS B 87 -11.53 -12.89 -7.85
C LYS B 87 -10.95 -11.91 -6.85
N ALA B 88 -11.09 -12.26 -5.56
CA ALA B 88 -10.55 -11.42 -4.49
C ALA B 88 -9.08 -11.07 -4.74
N GLU B 89 -8.32 -12.02 -5.27
CA GLU B 89 -6.90 -11.78 -5.54
C GLU B 89 -6.66 -10.90 -6.76
N ASP B 90 -7.70 -10.47 -7.47
CA ASP B 90 -7.53 -9.44 -8.50
C ASP B 90 -7.44 -8.04 -7.91
N THR B 91 -7.68 -7.90 -6.61
CA THR B 91 -7.59 -6.60 -5.97
C THR B 91 -6.21 -6.00 -6.18
N ALA B 92 -6.16 -4.82 -6.78
CA ALA B 92 -4.88 -4.24 -7.13
C ALA B 92 -5.11 -2.89 -7.78
N VAL B 93 -4.05 -2.09 -7.83
CA VAL B 93 -4.02 -0.90 -8.68
C VAL B 93 -3.53 -1.34 -10.05
N TYR B 94 -4.31 -1.00 -11.09
CA TYR B 94 -3.98 -1.34 -12.47
C TYR B 94 -3.52 -0.11 -13.21
N TYR B 95 -2.36 -0.22 -13.86
CA TYR B 95 -1.78 0.87 -14.63
C TYR B 95 -1.74 0.50 -16.11
N CYS B 96 -2.01 1.48 -16.96
CA CYS B 96 -1.60 1.40 -18.34
C CYS B 96 -0.28 2.15 -18.50
N ALA B 97 0.52 1.73 -19.47
CA ALA B 97 1.82 2.34 -19.70
C ALA B 97 2.24 2.13 -21.15
N ARG B 98 2.75 3.18 -21.77
CA ARG B 98 3.20 3.12 -23.15
C ARG B 98 4.62 2.56 -23.22
N VAL B 99 4.89 1.84 -24.32
CA VAL B 99 6.24 1.48 -24.69
C VAL B 99 6.61 2.29 -25.94
N TYR B 100 7.68 3.08 -25.83
CA TYR B 100 8.17 3.85 -26.97
C TYR B 100 9.01 2.96 -27.88
N SER B 101 9.93 2.20 -27.29
CA SER B 101 10.79 1.30 -28.02
C SER B 101 11.23 0.20 -27.07
N TYR B 102 11.96 -0.78 -27.59
CA TYR B 102 12.60 -1.76 -26.70
C TYR B 102 13.55 -1.08 -25.74
N GLY B 103 14.25 -0.04 -26.19
CA GLY B 103 15.16 0.68 -25.32
C GLY B 103 14.46 1.49 -24.26
N VAL B 104 13.26 1.99 -24.57
CA VAL B 104 12.54 2.90 -23.66
C VAL B 104 11.13 2.35 -23.44
N PRO B 105 10.97 1.34 -22.59
CA PRO B 105 9.63 0.88 -22.22
C PRO B 105 9.06 1.64 -21.04
N PHE B 106 7.73 1.80 -21.06
CA PHE B 106 7.01 2.39 -19.95
C PHE B 106 7.49 3.81 -19.66
N ASP B 107 7.57 4.63 -20.71
CA ASP B 107 8.02 6.02 -20.53
C ASP B 107 6.90 6.90 -19.99
N TYR B 108 5.64 6.59 -20.30
CA TYR B 108 4.50 7.34 -19.80
C TYR B 108 3.51 6.35 -19.21
N TRP B 109 3.03 6.66 -18.01
CA TRP B 109 2.14 5.81 -17.25
C TRP B 109 0.84 6.54 -16.98
N GLY B 110 -0.27 5.78 -16.96
CA GLY B 110 -1.49 6.28 -16.39
C GLY B 110 -1.34 6.47 -14.89
N GLN B 111 -2.35 7.12 -14.29
CA GLN B 111 -2.28 7.39 -12.85
C GLN B 111 -2.65 6.17 -12.02
N GLY B 112 -3.09 5.10 -12.64
CA GLY B 112 -3.53 3.93 -11.88
C GLY B 112 -5.02 3.94 -11.61
N THR B 113 -5.59 2.74 -11.56
CA THR B 113 -7.00 2.52 -11.26
C THR B 113 -7.10 1.44 -10.19
N LEU B 114 -7.60 1.79 -9.01
CA LEU B 114 -7.80 0.80 -7.95
C LEU B 114 -9.03 -0.03 -8.25
N VAL B 115 -8.87 -1.36 -8.25
CA VAL B 115 -9.98 -2.29 -8.38
C VAL B 115 -9.99 -3.15 -7.12
N THR B 116 -11.06 -3.03 -6.33
CA THR B 116 -11.24 -3.79 -5.11
C THR B 116 -12.30 -4.87 -5.32
N VAL B 117 -11.92 -6.12 -5.10
CA VAL B 117 -12.84 -7.24 -5.19
C VAL B 117 -13.04 -7.81 -3.79
N SER B 118 -14.25 -7.71 -3.28
CA SER B 118 -14.57 -8.20 -1.94
C SER B 118 -15.97 -8.76 -1.91
N SER B 119 -16.14 -9.82 -1.13
CA SER B 119 -17.47 -10.39 -0.91
C SER B 119 -18.28 -9.64 0.12
N ALA B 120 -17.74 -8.59 0.72
CA ALA B 120 -18.45 -7.88 1.77
C ALA B 120 -19.47 -6.91 1.18
N SER B 121 -20.46 -6.56 2.01
CA SER B 121 -21.54 -5.67 1.63
C SER B 121 -21.52 -4.43 2.52
N THR B 122 -22.05 -3.34 2.00
CA THR B 122 -22.14 -2.11 2.77
C THR B 122 -22.67 -2.40 4.18
N LYS B 123 -21.97 -1.87 5.18
CA LYS B 123 -22.37 -2.07 6.56
C LYS B 123 -21.83 -0.92 7.39
N GLY B 124 -22.71 -0.27 8.15
CA GLY B 124 -22.33 0.81 9.02
C GLY B 124 -21.57 0.30 10.23
N PRO B 125 -20.78 1.17 10.85
CA PRO B 125 -19.92 0.74 11.96
C PRO B 125 -20.69 0.59 13.26
N SER B 126 -20.16 -0.25 14.14
CA SER B 126 -20.57 -0.31 15.53
C SER B 126 -19.52 0.42 16.36
N VAL B 127 -19.93 1.49 17.05
CA VAL B 127 -19.00 2.38 17.73
C VAL B 127 -19.05 2.10 19.22
N PHE B 128 -17.88 1.82 19.81
CA PHE B 128 -17.82 1.56 21.24
C PHE B 128 -16.88 2.55 21.93
N PRO B 129 -17.19 2.95 23.16
CA PRO B 129 -16.31 3.88 23.86
C PRO B 129 -15.07 3.18 24.37
N LEU B 130 -13.95 3.90 24.35
CA LEU B 130 -12.70 3.44 24.95
C LEU B 130 -12.46 4.32 26.17
N ALA B 131 -12.95 3.85 27.32
CA ALA B 131 -12.93 4.67 28.54
C ALA B 131 -11.49 4.92 28.99
N PRO B 132 -11.24 6.06 29.65
CA PRO B 132 -9.89 6.42 30.10
C PRO B 132 -9.43 5.60 31.31
N GLY B 140 0.55 12.89 33.52
CA GLY B 140 -0.66 13.25 34.22
C GLY B 140 -1.83 13.45 33.29
N THR B 141 -1.72 12.91 32.08
CA THR B 141 -2.74 12.99 31.05
C THR B 141 -3.51 11.68 30.97
N ALA B 142 -4.72 11.76 30.41
CA ALA B 142 -5.57 10.61 30.23
C ALA B 142 -5.88 10.43 28.74
N ALA B 143 -5.87 9.18 28.29
CA ALA B 143 -6.21 8.84 26.92
C ALA B 143 -7.56 8.15 26.90
N LEU B 144 -8.40 8.56 25.95
CA LEU B 144 -9.67 7.88 25.73
C LEU B 144 -9.98 7.95 24.24
N GLY B 145 -10.93 7.14 23.81
CA GLY B 145 -11.17 7.03 22.39
C GLY B 145 -12.45 6.32 22.05
N CYS B 146 -12.57 6.01 20.76
CA CYS B 146 -13.71 5.31 20.19
C CYS B 146 -13.21 4.21 19.27
N LEU B 147 -13.81 3.02 19.41
CA LEU B 147 -13.53 1.89 18.54
C LEU B 147 -14.62 1.85 17.46
N VAL B 148 -14.22 1.98 16.20
CA VAL B 148 -15.15 1.99 15.07
C VAL B 148 -15.05 0.64 14.40
N LYS B 149 -16.04 -0.21 14.65
CA LYS B 149 -15.92 -1.63 14.41
C LYS B 149 -16.80 -2.11 13.25
N ASP B 150 -16.22 -2.94 12.38
CA ASP B 150 -16.96 -3.79 11.44
C ASP B 150 -17.79 -2.97 10.46
N TYR B 151 -17.11 -2.16 9.64
CA TYR B 151 -17.79 -1.38 8.62
C TYR B 151 -17.23 -1.69 7.23
N PHE B 152 -17.97 -1.23 6.23
CA PHE B 152 -17.60 -1.43 4.84
C PHE B 152 -18.48 -0.58 3.94
N PRO B 153 -17.91 0.00 2.87
CA PRO B 153 -16.49 0.10 2.52
C PRO B 153 -15.79 1.26 3.24
N GLU B 154 -14.52 1.44 2.91
CA GLU B 154 -13.77 2.64 3.26
C GLU B 154 -14.48 3.80 2.57
N PRO B 155 -14.39 5.04 3.11
CA PRO B 155 -13.71 5.56 4.29
C PRO B 155 -14.62 5.95 5.45
N VAL B 156 -14.01 6.08 6.62
CA VAL B 156 -14.64 6.65 7.79
C VAL B 156 -13.85 7.89 8.19
N THR B 157 -14.57 8.93 8.63
CA THR B 157 -13.97 10.10 9.25
C THR B 157 -14.41 10.21 10.70
N VAL B 158 -13.53 10.74 11.55
CA VAL B 158 -13.83 10.93 12.96
C VAL B 158 -13.44 12.34 13.37
N SER B 159 -14.29 12.97 14.17
CA SER B 159 -13.93 14.19 14.90
C SER B 159 -14.29 14.00 16.37
N TRP B 160 -14.03 15.03 17.18
CA TRP B 160 -14.33 14.99 18.59
C TRP B 160 -15.00 16.29 19.01
N ASN B 161 -16.06 16.17 19.82
CA ASN B 161 -16.86 17.30 20.25
C ASN B 161 -17.16 18.20 19.06
N SER B 162 -17.68 17.58 18.00
CA SER B 162 -18.14 18.29 16.81
C SER B 162 -17.05 19.19 16.23
N GLY B 163 -15.80 18.77 16.36
CA GLY B 163 -14.69 19.50 15.79
C GLY B 163 -14.02 20.51 16.72
N ALA B 164 -14.58 20.75 17.91
CA ALA B 164 -13.95 21.70 18.84
C ALA B 164 -12.67 21.14 19.43
N LEU B 165 -12.60 19.83 19.65
CA LEU B 165 -11.43 19.17 20.25
C LEU B 165 -10.57 18.63 19.12
N THR B 166 -9.51 19.36 18.78
CA THR B 166 -8.56 18.93 17.76
C THR B 166 -7.17 18.63 18.32
N SER B 167 -6.79 19.26 19.43
CA SER B 167 -5.48 19.03 20.02
C SER B 167 -5.43 17.65 20.67
N GLY B 168 -4.31 16.96 20.47
CA GLY B 168 -4.10 15.66 21.09
C GLY B 168 -4.86 14.51 20.47
N VAL B 169 -5.39 14.67 19.25
CA VAL B 169 -6.27 13.69 18.63
C VAL B 169 -5.46 12.88 17.62
N HIS B 170 -5.59 11.56 17.66
CA HIS B 170 -4.92 10.69 16.71
C HIS B 170 -5.89 9.61 16.26
N THR B 171 -6.23 9.63 14.96
CA THR B 171 -7.13 8.67 14.36
C THR B 171 -6.32 7.71 13.52
N PHE B 172 -6.41 6.44 13.84
CA PHE B 172 -5.50 5.47 13.24
C PHE B 172 -6.12 4.90 11.97
N PRO B 173 -5.33 4.66 10.93
CA PRO B 173 -5.89 4.00 9.74
C PRO B 173 -6.49 2.64 10.11
N ALA B 174 -7.48 2.24 9.31
CA ALA B 174 -8.29 1.07 9.63
C ALA B 174 -7.52 -0.20 9.32
N VAL B 175 -7.90 -1.27 10.01
CA VAL B 175 -7.41 -2.62 9.72
C VAL B 175 -8.45 -3.32 8.86
N LEU B 176 -7.98 -4.09 7.88
CA LEU B 176 -8.85 -4.89 7.05
C LEU B 176 -8.92 -6.29 7.65
N GLN B 177 -10.10 -6.68 8.12
CA GLN B 177 -10.25 -7.98 8.74
C GLN B 177 -10.35 -9.08 7.69
N SER B 178 -10.08 -10.31 8.11
CA SER B 178 -10.19 -11.45 7.22
C SER B 178 -11.61 -11.63 6.71
N SER B 179 -12.60 -11.14 7.46
CA SER B 179 -13.99 -11.18 7.02
C SER B 179 -14.27 -10.20 5.88
N GLY B 180 -13.38 -9.26 5.62
CA GLY B 180 -13.62 -8.22 4.64
C GLY B 180 -14.10 -6.91 5.23
N LEU B 181 -14.40 -6.86 6.53
CA LEU B 181 -14.82 -5.62 7.15
C LEU B 181 -13.63 -4.89 7.75
N TYR B 182 -13.79 -3.58 7.93
CA TYR B 182 -12.75 -2.73 8.46
C TYR B 182 -13.08 -2.36 9.90
N SER B 183 -12.03 -2.01 10.65
CA SER B 183 -12.18 -1.40 11.96
C SER B 183 -11.07 -0.39 12.15
N LEU B 184 -11.36 0.68 12.88
CA LEU B 184 -10.35 1.65 13.25
C LEU B 184 -10.62 2.15 14.66
N SER B 185 -9.69 2.95 15.17
CA SER B 185 -9.84 3.59 16.47
C SER B 185 -9.39 5.03 16.34
N SER B 186 -10.03 5.88 17.14
CA SER B 186 -9.57 7.25 17.35
C SER B 186 -9.37 7.45 18.84
N VAL B 187 -8.22 8.01 19.22
CA VAL B 187 -7.89 8.29 20.61
C VAL B 187 -7.51 9.76 20.74
N VAL B 188 -7.83 10.33 21.89
CA VAL B 188 -7.46 11.70 22.22
C VAL B 188 -6.89 11.71 23.63
N THR B 189 -5.84 12.50 23.83
CA THR B 189 -5.19 12.63 25.13
C THR B 189 -5.61 13.97 25.74
N VAL B 190 -6.17 13.91 26.96
CA VAL B 190 -6.72 15.10 27.59
C VAL B 190 -6.26 15.15 29.04
N PRO B 191 -6.25 16.34 29.65
CA PRO B 191 -5.97 16.44 31.08
C PRO B 191 -6.88 15.56 31.91
N SER B 192 -6.29 14.78 32.81
CA SER B 192 -7.10 13.95 33.70
C SER B 192 -8.02 14.81 34.55
N SER B 193 -7.58 16.03 34.91
CA SER B 193 -8.41 16.92 35.69
C SER B 193 -9.70 17.31 34.97
N SER B 194 -9.78 17.08 33.65
CA SER B 194 -10.95 17.47 32.88
C SER B 194 -12.06 16.42 32.91
N LEU B 195 -11.75 15.18 33.29
CA LEU B 195 -12.78 14.15 33.36
C LEU B 195 -13.81 14.54 34.41
N GLY B 196 -15.05 14.73 33.97
CA GLY B 196 -16.08 15.25 34.85
C GLY B 196 -16.37 16.71 34.60
N THR B 197 -15.34 17.48 34.27
CA THR B 197 -15.54 18.85 33.80
C THR B 197 -15.99 18.88 32.35
N GLN B 198 -15.38 18.06 31.50
CA GLN B 198 -15.54 18.15 30.05
C GLN B 198 -16.17 16.88 29.51
N THR B 199 -17.22 17.04 28.70
CA THR B 199 -17.80 15.92 27.98
C THR B 199 -16.99 15.63 26.72
N TYR B 200 -16.90 14.35 26.38
CA TYR B 200 -16.10 13.88 25.24
C TYR B 200 -16.97 13.01 24.36
N ILE B 201 -17.14 13.43 23.12
CA ILE B 201 -17.96 12.73 22.13
C ILE B 201 -17.13 12.62 20.86
N CYS B 202 -17.03 11.41 20.32
CA CYS B 202 -16.45 11.22 19.00
C CYS B 202 -17.58 11.21 17.98
N ASN B 203 -17.39 11.96 16.90
CA ASN B 203 -18.36 12.07 15.82
C ASN B 203 -17.86 11.24 14.66
N VAL B 204 -18.53 10.12 14.40
CA VAL B 204 -18.10 9.15 13.40
C VAL B 204 -19.05 9.25 12.22
N ASN B 205 -18.49 9.34 11.02
CA ASN B 205 -19.28 9.47 9.81
C ASN B 205 -18.83 8.43 8.80
N HIS B 206 -19.77 7.61 8.34
CA HIS B 206 -19.53 6.57 7.34
C HIS B 206 -20.49 6.83 6.18
N LYS B 207 -20.10 7.76 5.31
CA LYS B 207 -20.94 8.14 4.18
C LYS B 207 -21.46 6.97 3.36
N PRO B 208 -20.67 5.92 3.09
CA PRO B 208 -21.17 4.84 2.22
C PRO B 208 -22.39 4.13 2.75
N SER B 209 -22.61 4.12 4.07
CA SER B 209 -23.82 3.54 4.64
C SER B 209 -24.82 4.60 5.10
N ASN B 210 -24.58 5.87 4.79
CA ASN B 210 -25.44 6.97 5.24
C ASN B 210 -25.63 6.91 6.76
N THR B 211 -24.53 6.70 7.49
CA THR B 211 -24.55 6.56 8.94
C THR B 211 -23.58 7.54 9.58
N LYS B 212 -24.04 8.23 10.62
CA LYS B 212 -23.19 8.98 11.55
C LYS B 212 -23.47 8.50 12.96
N VAL B 213 -22.44 8.45 13.79
CA VAL B 213 -22.60 8.06 15.20
C VAL B 213 -21.84 9.05 16.06
N ASP B 214 -22.53 9.58 17.07
CA ASP B 214 -21.90 10.39 18.11
C ASP B 214 -21.93 9.58 19.40
N LYS B 215 -20.74 9.23 19.90
CA LYS B 215 -20.61 8.34 21.06
C LYS B 215 -19.96 9.11 22.19
N LYS B 216 -20.73 9.35 23.26
CA LYS B 216 -20.17 9.95 24.46
C LYS B 216 -19.21 8.96 25.13
N VAL B 217 -18.01 9.42 25.46
CA VAL B 217 -17.00 8.60 26.12
C VAL B 217 -16.82 9.15 27.53
N GLU B 218 -17.11 8.33 28.52
CA GLU B 218 -17.00 8.75 29.91
C GLU B 218 -16.22 7.72 30.72
N PRO B 219 -15.66 8.13 31.88
CA PRO B 219 -14.89 7.24 32.76
C PRO B 219 -15.53 5.87 32.97
N SER C 2 10.82 -14.35 -8.76
CA SER C 2 10.99 -13.09 -9.50
C SER C 2 12.26 -13.12 -10.35
N VAL C 3 12.08 -12.93 -11.65
CA VAL C 3 13.16 -13.06 -12.61
C VAL C 3 14.31 -12.10 -12.30
N LEU C 4 14.04 -10.97 -11.64
CA LEU C 4 15.07 -9.99 -11.29
C LEU C 4 15.05 -9.78 -9.78
N THR C 5 16.17 -10.09 -9.13
CA THR C 5 16.26 -10.02 -7.68
C THR C 5 16.79 -8.67 -7.25
N GLN C 6 16.02 -7.96 -6.42
CA GLN C 6 16.43 -6.73 -5.80
C GLN C 6 16.39 -6.90 -4.28
N PRO C 7 17.22 -6.16 -3.54
CA PRO C 7 17.08 -6.17 -2.09
C PRO C 7 15.75 -5.60 -1.67
N ALA C 8 15.15 -6.18 -0.63
CA ALA C 8 13.84 -5.73 -0.19
C ALA C 8 13.88 -4.29 0.28
N SER C 9 14.95 -3.91 0.99
CA SER C 9 15.07 -2.53 1.46
C SER C 9 16.52 -2.10 1.51
N VAL C 10 16.73 -0.81 1.27
CA VAL C 10 18.01 -0.15 1.48
C VAL C 10 17.73 1.15 2.23
N SER C 11 18.67 1.54 3.07
CA SER C 11 18.58 2.77 3.82
C SER C 11 19.87 3.57 3.65
N GLY C 12 19.73 4.89 3.63
CA GLY C 12 20.87 5.77 3.64
C GLY C 12 20.46 7.09 4.28
N SER C 13 21.46 7.82 4.73
CA SER C 13 21.17 9.11 5.33
C SER C 13 21.36 10.22 4.31
N PRO C 14 20.75 11.38 4.55
CA PRO C 14 20.83 12.48 3.58
C PRO C 14 22.27 12.84 3.24
N GLY C 15 22.51 13.11 1.96
CA GLY C 15 23.83 13.46 1.47
C GLY C 15 24.68 12.29 1.05
N GLN C 16 24.42 11.09 1.58
CA GLN C 16 25.16 9.91 1.18
C GLN C 16 24.71 9.45 -0.21
N SER C 17 25.46 8.53 -0.78
CA SER C 17 25.05 7.82 -1.98
C SER C 17 24.72 6.39 -1.62
N ILE C 18 23.72 5.82 -2.31
CA ILE C 18 23.29 4.45 -2.07
C ILE C 18 23.16 3.75 -3.41
N THR C 19 23.25 2.42 -3.37
CA THR C 19 23.18 1.58 -4.54
C THR C 19 22.15 0.48 -4.34
N ILE C 20 21.32 0.26 -5.35
CA ILE C 20 20.30 -0.78 -5.36
C ILE C 20 20.67 -1.75 -6.47
N SER C 21 20.88 -3.02 -6.11
CA SER C 21 21.25 -4.04 -7.08
C SER C 21 20.03 -4.73 -7.70
N CYS C 22 20.26 -5.35 -8.87
CA CYS C 22 19.22 -6.00 -9.66
C CYS C 22 19.90 -7.11 -10.47
N THR C 23 19.72 -8.36 -10.04
CA THR C 23 20.40 -9.49 -10.64
C THR C 23 19.43 -10.36 -11.41
N ALA C 24 19.79 -10.72 -12.64
CA ALA C 24 18.95 -11.60 -13.44
C ALA C 24 19.03 -13.03 -12.92
N THR C 25 17.86 -13.63 -12.71
CA THR C 25 17.69 -15.00 -12.21
C THR C 25 17.69 -16.05 -13.31
N SER C 26 17.63 -15.66 -14.58
CA SER C 26 17.60 -16.64 -15.65
C SER C 26 18.32 -16.07 -16.85
N SER C 27 18.60 -16.94 -17.81
CA SER C 27 19.28 -16.52 -19.02
C SER C 27 18.33 -15.90 -20.04
N ASN C 28 17.03 -15.78 -19.72
CA ASN C 28 16.09 -15.17 -20.65
C ASN C 28 16.43 -13.70 -20.95
N VAL C 29 17.24 -13.06 -20.12
CA VAL C 29 17.58 -11.66 -20.38
C VAL C 29 18.64 -11.50 -21.47
N GLY C 30 19.27 -12.58 -21.88
CA GLY C 30 20.24 -12.49 -22.97
C GLY C 30 21.35 -11.54 -22.63
N SER C 31 21.60 -10.58 -23.53
CA SER C 31 22.63 -9.57 -23.32
C SER C 31 22.41 -8.74 -22.06
N PHE C 32 21.17 -8.64 -21.59
CA PHE C 32 20.90 -7.85 -20.39
C PHE C 32 21.33 -6.40 -20.60
N ASN C 33 21.03 -5.88 -21.79
CA ASN C 33 21.31 -4.49 -22.15
C ASN C 33 20.04 -3.64 -22.18
N LEU C 34 18.87 -4.23 -21.97
CA LEU C 34 17.61 -3.49 -21.99
C LEU C 34 17.07 -3.41 -20.58
N VAL C 35 17.84 -2.82 -19.67
CA VAL C 35 17.48 -2.70 -18.27
C VAL C 35 17.02 -1.27 -18.00
N SER C 36 15.86 -1.13 -17.38
CA SER C 36 15.31 0.16 -17.02
C SER C 36 14.96 0.17 -15.54
N TRP C 37 14.90 1.39 -14.98
CA TRP C 37 14.58 1.60 -13.57
C TRP C 37 13.45 2.61 -13.45
N TYR C 38 12.63 2.42 -12.41
CA TYR C 38 11.46 3.25 -12.19
C TYR C 38 11.41 3.67 -10.74
N GLN C 39 11.15 4.95 -10.51
CA GLN C 39 10.86 5.47 -9.18
C GLN C 39 9.35 5.45 -8.96
N HIS C 40 8.92 4.96 -7.80
CA HIS C 40 7.50 4.88 -7.54
C HIS C 40 7.20 5.39 -6.14
N HIS C 41 6.59 6.57 -6.08
CA HIS C 41 5.96 7.04 -4.86
C HIS C 41 4.56 6.46 -4.79
N PRO C 42 4.21 5.71 -3.74
CA PRO C 42 2.87 5.13 -3.66
C PRO C 42 1.80 6.19 -3.85
N GLY C 43 0.76 5.84 -4.61
CA GLY C 43 -0.34 6.74 -4.91
C GLY C 43 -0.19 7.52 -6.21
N LYS C 44 1.04 7.67 -6.70
CA LYS C 44 1.31 8.31 -7.97
C LYS C 44 1.75 7.25 -8.98
N ALA C 45 1.84 7.67 -10.24
CA ALA C 45 2.30 6.70 -11.24
C ALA C 45 3.81 6.54 -11.17
N PRO C 46 4.32 5.33 -11.45
CA PRO C 46 5.76 5.15 -11.57
C PRO C 46 6.34 6.08 -12.62
N LYS C 47 7.65 6.34 -12.47
CA LYS C 47 8.38 7.28 -13.32
C LYS C 47 9.64 6.60 -13.83
N LEU C 48 9.85 6.65 -15.15
CA LEU C 48 11.07 6.13 -15.73
C LEU C 48 12.24 7.05 -15.40
N ILE C 49 13.33 6.48 -14.91
CA ILE C 49 14.51 7.27 -14.57
C ILE C 49 15.78 6.77 -15.24
N ILE C 50 15.88 5.50 -15.63
CA ILE C 50 17.03 4.97 -16.33
C ILE C 50 16.52 3.95 -17.34
N HIS C 51 17.13 3.94 -18.52
CA HIS C 51 16.84 2.90 -19.50
C HIS C 51 18.13 2.48 -20.20
N GLU C 52 18.11 1.31 -20.80
CA GLU C 52 19.28 0.73 -21.43
C GLU C 52 20.49 0.79 -20.48
N VAL C 53 20.24 0.38 -19.24
CA VAL C 53 21.28 0.19 -18.22
C VAL C 53 21.69 1.50 -17.56
N SER C 54 22.05 2.50 -18.36
CA SER C 54 22.61 3.72 -17.81
C SER C 54 22.05 5.00 -18.39
N LYS C 55 21.21 4.95 -19.42
CA LYS C 55 20.79 6.16 -20.11
C LYS C 55 19.78 6.90 -19.24
N ARG C 56 20.09 8.16 -18.93
CA ARG C 56 19.23 8.96 -18.07
C ARG C 56 18.52 10.00 -18.91
N PRO C 57 17.19 9.96 -19.01
CA PRO C 57 16.49 11.04 -19.71
C PRO C 57 16.72 12.36 -18.99
N SER C 58 16.78 13.44 -19.78
CA SER C 58 17.08 14.75 -19.23
C SER C 58 16.08 15.17 -18.16
N GLY C 59 14.86 14.62 -18.19
CA GLY C 59 13.84 14.89 -17.22
C GLY C 59 13.97 14.21 -15.87
N ALA C 60 15.01 13.40 -15.67
CA ALA C 60 15.34 12.83 -14.37
C ALA C 60 16.56 13.56 -13.80
N SER C 61 16.71 13.47 -12.48
CA SER C 61 17.80 14.15 -11.80
C SER C 61 19.15 13.52 -12.12
N ASN C 62 20.17 14.35 -12.30
CA ASN C 62 21.51 13.85 -12.56
C ASN C 62 22.15 13.17 -11.36
N ARG C 63 21.43 13.04 -10.24
CA ARG C 63 21.95 12.30 -9.10
C ARG C 63 21.68 10.81 -9.23
N PHE C 64 20.95 10.41 -10.27
CA PHE C 64 20.63 9.02 -10.53
C PHE C 64 21.53 8.51 -11.66
N SER C 65 22.15 7.36 -11.43
CA SER C 65 22.97 6.73 -12.44
C SER C 65 22.76 5.22 -12.39
N GLY C 66 23.06 4.57 -13.50
CA GLY C 66 22.96 3.14 -13.58
C GLY C 66 24.20 2.51 -14.19
N SER C 67 24.47 1.29 -13.75
CA SER C 67 25.64 0.53 -14.21
C SER C 67 25.27 -0.93 -14.24
N LYS C 68 26.20 -1.74 -14.73
CA LYS C 68 26.01 -3.17 -14.83
C LYS C 68 27.36 -3.85 -14.66
N SER C 69 27.35 -5.01 -14.02
CA SER C 69 28.52 -5.88 -13.99
C SER C 69 28.02 -7.32 -14.02
N GLY C 70 28.49 -8.09 -15.00
CA GLY C 70 27.95 -9.42 -15.18
C GLY C 70 26.45 -9.33 -15.37
N ASN C 71 25.70 -10.10 -14.59
CA ASN C 71 24.24 -10.10 -14.68
C ASN C 71 23.60 -9.30 -13.55
N THR C 72 24.32 -8.36 -12.96
CA THR C 72 23.80 -7.52 -11.90
C THR C 72 23.77 -6.08 -12.37
N ALA C 73 22.57 -5.55 -12.58
CA ALA C 73 22.40 -4.13 -12.86
C ALA C 73 22.29 -3.40 -11.54
N SER C 74 22.69 -2.14 -11.55
CA SER C 74 22.79 -1.39 -10.30
C SER C 74 22.35 0.05 -10.50
N LEU C 75 21.45 0.52 -9.62
CA LEU C 75 21.02 1.91 -9.56
C LEU C 75 21.74 2.59 -8.40
N THR C 76 22.35 3.74 -8.68
CA THR C 76 23.02 4.52 -7.64
C THR C 76 22.40 5.90 -7.57
N ILE C 77 22.10 6.35 -6.35
CA ILE C 77 21.54 7.66 -6.09
C ILE C 77 22.54 8.42 -5.22
N SER C 78 23.09 9.50 -5.76
CA SER C 78 24.05 10.32 -5.04
CA SER C 78 24.06 10.32 -5.03
C SER C 78 23.34 11.50 -4.38
N GLY C 79 24.02 12.10 -3.41
CA GLY C 79 23.48 13.25 -2.72
C GLY C 79 22.07 13.01 -2.23
N LEU C 80 21.86 11.88 -1.58
CA LEU C 80 20.54 11.42 -1.18
C LEU C 80 19.74 12.54 -0.51
N GLN C 81 18.50 12.71 -0.96
CA GLN C 81 17.57 13.68 -0.40
C GLN C 81 16.29 12.99 0.05
N ALA C 82 15.50 13.69 0.87
CA ALA C 82 14.28 13.10 1.42
C ALA C 82 13.31 12.69 0.30
N GLU C 83 13.22 13.50 -0.76
CA GLU C 83 12.29 13.21 -1.85
C GLU C 83 12.62 11.91 -2.57
N ASP C 84 13.85 11.40 -2.43
CA ASP C 84 14.21 10.13 -3.05
C ASP C 84 13.54 8.95 -2.37
N GLU C 85 13.02 9.13 -1.16
CA GLU C 85 12.36 8.03 -0.47
C GLU C 85 11.20 7.54 -1.32
N ALA C 86 11.25 6.26 -1.69
CA ALA C 86 10.28 5.69 -2.61
C ALA C 86 10.60 4.22 -2.86
N ASP C 87 9.76 3.55 -3.65
CA ASP C 87 10.08 2.22 -4.16
C ASP C 87 10.76 2.36 -5.52
N TYR C 88 11.74 1.50 -5.76
CA TYR C 88 12.48 1.47 -7.01
C TYR C 88 12.42 0.08 -7.59
N TYR C 89 12.11 0.00 -8.89
CA TYR C 89 12.00 -1.26 -9.60
C TYR C 89 12.97 -1.24 -10.78
N CYS C 90 13.73 -2.32 -10.94
CA CYS C 90 14.36 -2.54 -12.22
C CYS C 90 13.43 -3.34 -13.13
N CYS C 91 13.82 -3.44 -14.40
CA CYS C 91 12.97 -4.04 -15.41
C CYS C 91 13.85 -4.50 -16.55
N SER C 92 13.50 -5.62 -17.16
CA SER C 92 14.26 -6.13 -18.30
C SER C 92 13.36 -6.73 -19.35
N TYR C 93 13.70 -6.51 -20.62
CA TYR C 93 13.17 -7.31 -21.69
C TYR C 93 13.63 -8.75 -21.51
N VAL C 94 12.76 -9.71 -21.85
CA VAL C 94 13.13 -11.11 -21.71
C VAL C 94 12.79 -11.87 -22.98
N GLY C 95 12.72 -11.16 -24.11
CA GLY C 95 12.41 -11.78 -25.37
C GLY C 95 10.93 -12.07 -25.53
N SER C 96 10.58 -12.50 -26.75
CA SER C 96 9.21 -12.85 -27.10
C SER C 96 8.23 -11.75 -26.70
N ASP C 97 8.67 -10.50 -26.88
CA ASP C 97 7.85 -9.33 -26.58
C ASP C 97 7.26 -9.42 -25.17
N THR C 98 8.10 -9.85 -24.23
CA THR C 98 7.74 -9.97 -22.83
C THR C 98 8.69 -9.14 -21.98
N TRP C 99 8.15 -8.52 -20.93
CA TRP C 99 8.93 -7.71 -19.99
C TRP C 99 8.69 -8.23 -18.60
N VAL C 100 9.66 -8.00 -17.71
CA VAL C 100 9.50 -8.38 -16.31
C VAL C 100 10.07 -7.30 -15.41
N PHE C 101 9.48 -7.19 -14.22
CA PHE C 101 9.91 -6.27 -13.19
C PHE C 101 10.57 -7.05 -12.07
N GLY C 102 11.66 -6.50 -11.53
CA GLY C 102 12.17 -6.98 -10.26
C GLY C 102 11.16 -6.78 -9.15
N GLY C 103 11.46 -7.39 -8.00
CA GLY C 103 10.53 -7.37 -6.88
C GLY C 103 10.36 -6.02 -6.22
N GLY C 104 11.25 -5.07 -6.48
CA GLY C 104 11.16 -3.76 -5.88
C GLY C 104 12.06 -3.61 -4.66
N THR C 105 12.50 -2.38 -4.41
CA THR C 105 13.29 -2.03 -3.24
C THR C 105 12.68 -0.80 -2.59
N LYS C 106 12.36 -0.90 -1.30
CA LYS C 106 11.95 0.25 -0.52
C LYS C 106 13.21 1.00 -0.08
N LEU C 107 13.38 2.22 -0.58
CA LEU C 107 14.49 3.09 -0.17
C LEU C 107 14.02 3.99 0.96
N THR C 108 14.65 3.86 2.12
CA THR C 108 14.38 4.74 3.25
C THR C 108 15.50 5.77 3.35
N VAL C 109 15.12 7.03 3.47
CA VAL C 109 16.06 8.13 3.66
C VAL C 109 15.98 8.53 5.13
N LEU C 110 17.04 8.24 5.89
CA LEU C 110 17.04 8.38 7.35
C LEU C 110 17.25 9.85 7.71
N GLY C 111 16.18 10.63 7.57
CA GLY C 111 16.26 12.06 7.84
C GLY C 111 15.77 12.44 9.22
N GLN C 112 15.97 11.54 10.18
CA GLN C 112 15.21 11.62 11.40
C GLN C 112 15.80 10.64 12.42
N PRO C 113 15.90 11.02 13.69
CA PRO C 113 16.46 10.09 14.68
C PRO C 113 15.47 8.99 15.02
N LYS C 114 16.02 7.86 15.47
CA LYS C 114 15.18 6.74 15.83
C LYS C 114 14.26 7.12 16.97
N ALA C 115 13.09 6.48 17.01
CA ALA C 115 12.12 6.77 18.04
C ALA C 115 11.41 5.49 18.43
N ALA C 116 11.36 5.22 19.72
CA ALA C 116 10.68 4.05 20.22
C ALA C 116 9.17 4.28 20.23
N PRO C 117 8.39 3.25 19.99
CA PRO C 117 6.93 3.45 19.90
C PRO C 117 6.31 3.74 21.26
N SER C 118 5.29 4.59 21.23
CA SER C 118 4.38 4.70 22.36
C SER C 118 3.21 3.74 22.15
N VAL C 119 2.83 3.04 23.20
CA VAL C 119 1.84 1.97 23.11
C VAL C 119 0.73 2.26 24.09
N THR C 120 -0.50 2.20 23.62
CA THR C 120 -1.68 2.31 24.48
C THR C 120 -2.59 1.13 24.22
N LEU C 121 -2.97 0.44 25.29
CA LEU C 121 -3.78 -0.77 25.21
C LEU C 121 -5.08 -0.55 25.96
N PHE C 122 -6.20 -0.78 25.27
CA PHE C 122 -7.53 -0.67 25.86
C PHE C 122 -8.17 -2.03 25.97
N PRO C 123 -8.90 -2.30 27.05
CA PRO C 123 -9.63 -3.55 27.15
C PRO C 123 -10.96 -3.44 26.43
N PRO C 124 -11.70 -4.55 26.32
CA PRO C 124 -13.05 -4.45 25.76
C PRO C 124 -13.90 -3.49 26.59
N SER C 125 -14.73 -2.71 25.90
CA SER C 125 -15.67 -1.83 26.58
C SER C 125 -16.79 -2.64 27.23
N SER C 126 -17.44 -2.01 28.22
CA SER C 126 -18.65 -2.59 28.80
C SER C 126 -19.69 -2.86 27.71
N GLU C 127 -19.97 -1.86 26.87
CA GLU C 127 -20.98 -2.02 25.82
C GLU C 127 -20.68 -3.25 24.98
N GLU C 128 -19.46 -3.34 24.45
CA GLU C 128 -19.14 -4.46 23.57
C GLU C 128 -19.40 -5.78 24.29
N LEU C 129 -18.95 -5.89 25.54
CA LEU C 129 -19.19 -7.11 26.29
C LEU C 129 -20.67 -7.39 26.42
N GLN C 130 -21.51 -6.34 26.46
CA GLN C 130 -22.96 -6.54 26.49
C GLN C 130 -23.47 -7.16 25.20
N ALA C 131 -22.74 -6.98 24.10
CA ALA C 131 -23.12 -7.53 22.81
C ALA C 131 -22.52 -8.90 22.57
N ASN C 132 -21.82 -9.46 23.55
CA ASN C 132 -21.24 -10.80 23.43
C ASN C 132 -20.09 -10.79 22.45
N LYS C 133 -19.30 -9.71 22.47
CA LYS C 133 -18.04 -9.62 21.74
C LYS C 133 -17.01 -8.97 22.64
N ALA C 134 -15.75 -9.05 22.23
CA ALA C 134 -14.63 -8.56 23.03
C ALA C 134 -13.50 -8.23 22.07
N THR C 135 -13.04 -6.97 22.11
CA THR C 135 -11.95 -6.51 21.27
C THR C 135 -10.91 -5.81 22.13
N LEU C 136 -9.65 -6.28 22.05
CA LEU C 136 -8.53 -5.55 22.63
C LEU C 136 -7.91 -4.66 21.56
N VAL C 137 -7.59 -3.42 21.94
CA VAL C 137 -7.19 -2.38 21.00
C VAL C 137 -5.79 -1.92 21.41
N CYS C 138 -4.79 -2.20 20.57
CA CYS C 138 -3.40 -1.83 20.84
C CYS C 138 -2.97 -0.76 19.86
N LEU C 139 -2.77 0.45 20.37
CA LEU C 139 -2.47 1.61 19.54
C LEU C 139 -0.99 1.96 19.66
N ILE C 140 -0.32 2.04 18.51
CA ILE C 140 1.14 2.16 18.45
C ILE C 140 1.46 3.42 17.64
N SER C 141 2.24 4.32 18.24
CA SER C 141 2.49 5.61 17.60
C SER C 141 3.90 6.11 17.85
N ASP C 142 4.28 7.11 17.04
CA ASP C 142 5.50 7.90 17.25
C ASP C 142 6.78 7.07 17.20
N PHE C 143 6.83 6.08 16.32
CA PHE C 143 8.06 5.31 16.16
C PHE C 143 8.71 5.60 14.81
N TYR C 144 10.03 5.46 14.80
CA TYR C 144 10.82 5.60 13.59
C TYR C 144 12.07 4.74 13.72
N PRO C 145 12.43 4.01 12.66
CA PRO C 145 11.78 3.91 11.35
C PRO C 145 10.46 3.13 11.40
N GLY C 146 9.71 3.18 10.30
CA GLY C 146 8.35 2.66 10.29
C GLY C 146 8.24 1.15 10.13
N ALA C 147 8.65 0.41 11.16
CA ALA C 147 8.57 -1.04 11.12
C ALA C 147 8.47 -1.56 12.55
N VAL C 148 7.41 -2.32 12.83
CA VAL C 148 7.22 -2.97 14.11
C VAL C 148 6.68 -4.37 13.83
N THR C 149 6.84 -5.25 14.81
CA THR C 149 6.10 -6.49 14.87
C THR C 149 5.29 -6.50 16.16
N VAL C 150 4.10 -7.08 16.11
CA VAL C 150 3.19 -7.10 17.25
C VAL C 150 2.86 -8.55 17.58
N ALA C 151 3.00 -8.90 18.86
CA ALA C 151 2.63 -10.21 19.37
C ALA C 151 1.72 -10.00 20.56
N TRP C 152 0.81 -10.94 20.77
CA TRP C 152 -0.14 -10.87 21.87
C TRP C 152 0.04 -12.10 22.75
N LYS C 153 -0.27 -11.94 24.03
CA LYS C 153 -0.18 -13.03 24.99
C LYS C 153 -1.43 -13.05 25.87
N ALA C 154 -1.90 -14.27 26.16
CA ALA C 154 -2.96 -14.50 27.13
C ALA C 154 -2.31 -15.05 28.39
N ASP C 155 -2.36 -14.28 29.47
CA ASP C 155 -1.45 -14.51 30.60
C ASP C 155 -0.03 -14.45 30.04
N SER C 156 0.64 -15.60 29.91
CA SER C 156 2.00 -15.65 29.38
C SER C 156 2.13 -16.44 28.09
N SER C 157 1.07 -17.05 27.61
CA SER C 157 1.12 -17.85 26.39
C SER C 157 0.84 -16.99 25.18
N PRO C 158 1.58 -17.16 24.08
CA PRO C 158 1.32 -16.34 22.89
C PRO C 158 -0.03 -16.66 22.30
N VAL C 159 -0.50 -15.73 21.47
CA VAL C 159 -1.80 -15.84 20.82
C VAL C 159 -1.65 -15.22 19.44
N LYS C 160 -1.90 -16.01 18.40
CA LYS C 160 -1.97 -15.46 17.06
C LYS C 160 -3.38 -15.45 16.49
N ALA C 161 -4.30 -16.20 17.10
CA ALA C 161 -5.65 -16.34 16.56
C ALA C 161 -6.52 -15.19 17.02
N GLY C 162 -7.19 -14.54 16.07
CA GLY C 162 -7.96 -13.34 16.34
C GLY C 162 -7.16 -12.06 16.32
N VAL C 163 -5.92 -12.10 15.85
CA VAL C 163 -5.06 -10.92 15.78
C VAL C 163 -5.16 -10.32 14.38
N GLU C 164 -5.45 -9.02 14.33
CA GLU C 164 -5.42 -8.25 13.09
C GLU C 164 -4.56 -7.03 13.34
N THR C 165 -3.50 -6.88 12.54
CA THR C 165 -2.53 -5.82 12.71
C THR C 165 -2.35 -5.06 11.40
N THR C 166 -2.33 -3.74 11.49
CA THR C 166 -2.16 -2.92 10.31
C THR C 166 -0.70 -2.85 9.91
N THR C 167 -0.50 -2.30 8.73
CA THR C 167 0.80 -1.81 8.29
C THR C 167 1.09 -0.49 8.99
N PRO C 168 2.37 -0.12 9.11
CA PRO C 168 2.69 1.22 9.63
C PRO C 168 2.32 2.27 8.60
N SER C 169 1.70 3.34 9.09
CA SER C 169 1.37 4.49 8.25
C SER C 169 2.12 5.71 8.75
N LYS C 170 2.52 6.55 7.80
CA LYS C 170 3.21 7.79 8.14
C LYS C 170 2.26 8.72 8.89
N GLN C 171 2.70 9.23 10.03
CA GLN C 171 1.98 10.27 10.74
C GLN C 171 2.31 11.63 10.15
N SER C 172 1.55 12.65 10.58
CA SER C 172 1.82 14.00 10.12
C SER C 172 3.21 14.46 10.54
N ASN C 173 3.67 14.04 11.73
CA ASN C 173 5.01 14.43 12.16
C ASN C 173 6.11 13.62 11.48
N ASN C 174 5.74 12.72 10.57
CA ASN C 174 6.65 11.89 9.80
C ASN C 174 7.24 10.74 10.63
N LYS C 175 6.78 10.55 11.86
CA LYS C 175 6.95 9.27 12.54
C LYS C 175 5.86 8.33 12.03
N TYR C 176 5.76 7.13 12.61
CA TYR C 176 4.87 6.11 12.09
C TYR C 176 3.94 5.58 13.16
N ALA C 177 2.78 5.12 12.71
CA ALA C 177 1.72 4.62 13.56
C ALA C 177 1.26 3.27 13.06
N ALA C 178 0.75 2.46 13.98
CA ALA C 178 0.16 1.18 13.65
C ALA C 178 -0.83 0.83 14.74
N SER C 179 -1.70 -0.12 14.43
CA SER C 179 -2.64 -0.62 15.42
C SER C 179 -2.79 -2.12 15.28
N SER C 180 -3.14 -2.78 16.37
CA SER C 180 -3.35 -4.22 16.38
C SER C 180 -4.56 -4.53 17.26
N TYR C 181 -5.40 -5.45 16.79
CA TYR C 181 -6.62 -5.82 17.48
C TYR C 181 -6.62 -7.31 17.75
N LEU C 182 -7.04 -7.69 18.95
CA LEU C 182 -7.25 -9.09 19.31
C LEU C 182 -8.73 -9.29 19.61
N SER C 183 -9.36 -10.18 18.84
CA SER C 183 -10.76 -10.52 19.03
C SER C 183 -10.87 -11.75 19.92
N LEU C 184 -11.72 -11.66 20.96
CA LEU C 184 -11.93 -12.77 21.88
C LEU C 184 -13.42 -12.92 22.14
N THR C 185 -13.79 -14.07 22.73
CA THR C 185 -15.11 -14.16 23.33
C THR C 185 -15.09 -13.49 24.70
N PRO C 186 -16.23 -13.02 25.16
CA PRO C 186 -16.30 -12.53 26.55
C PRO C 186 -15.78 -13.55 27.55
N GLU C 187 -16.04 -14.84 27.32
CA GLU C 187 -15.57 -15.88 28.21
C GLU C 187 -14.06 -15.91 28.27
N GLN C 188 -13.40 -15.93 27.11
CA GLN C 188 -11.94 -15.92 27.06
C GLN C 188 -11.39 -14.71 27.81
N TRP C 189 -11.94 -13.53 27.52
CA TRP C 189 -11.47 -12.31 28.17
C TRP C 189 -11.46 -12.45 29.68
N LYS C 190 -12.60 -12.87 30.25
CA LYS C 190 -12.68 -13.05 31.68
C LYS C 190 -12.05 -14.36 32.15
N SER C 191 -11.68 -15.24 31.23
CA SER C 191 -11.05 -16.50 31.63
C SER C 191 -9.66 -16.28 32.20
N HIS C 192 -8.87 -15.40 31.57
CA HIS C 192 -7.46 -15.27 31.91
C HIS C 192 -7.22 -14.15 32.93
N ARG C 193 -6.04 -14.18 33.55
CA ARG C 193 -5.66 -13.15 34.50
C ARG C 193 -5.39 -11.81 33.79
N SER C 194 -4.80 -11.86 32.60
CA SER C 194 -4.51 -10.64 31.87
C SER C 194 -4.21 -10.99 30.43
N TYR C 195 -4.19 -9.95 29.58
CA TYR C 195 -3.70 -10.04 28.21
C TYR C 195 -2.66 -8.95 28.02
N SER C 196 -1.71 -9.21 27.11
CA SER C 196 -0.62 -8.29 26.87
C SER C 196 -0.47 -8.05 25.36
N CYS C 197 -0.15 -6.82 25.00
CA CYS C 197 0.24 -6.47 23.65
C CYS C 197 1.73 -6.13 23.66
N GLN C 198 2.50 -6.80 22.81
CA GLN C 198 3.95 -6.67 22.77
C GLN C 198 4.38 -6.07 21.44
N VAL C 199 5.02 -4.91 21.49
CA VAL C 199 5.45 -4.19 20.29
C VAL C 199 6.97 -4.23 20.24
N THR C 200 7.52 -4.86 19.20
CA THR C 200 8.95 -4.96 18.99
C THR C 200 9.38 -3.99 17.88
N HIS C 201 10.42 -3.22 18.15
CA HIS C 201 10.89 -2.17 17.24
C HIS C 201 12.40 -2.07 17.40
N GLU C 202 13.14 -2.28 16.32
CA GLU C 202 14.60 -2.16 16.34
C GLU C 202 15.20 -3.02 17.45
N GLY C 203 14.65 -4.23 17.61
CA GLY C 203 15.20 -5.20 18.54
C GLY C 203 14.78 -5.04 19.98
N SER C 204 14.05 -3.97 20.31
CA SER C 204 13.59 -3.74 21.67
C SER C 204 12.07 -3.80 21.70
N THR C 205 11.53 -4.23 22.85
CA THR C 205 10.12 -4.55 22.96
C THR C 205 9.47 -3.73 24.05
N VAL C 206 8.30 -3.16 23.74
CA VAL C 206 7.46 -2.46 24.70
C VAL C 206 6.18 -3.25 24.84
N GLU C 207 5.81 -3.58 26.07
CA GLU C 207 4.67 -4.44 26.36
C GLU C 207 3.72 -3.72 27.32
N LYS C 208 2.45 -3.72 26.97
CA LYS C 208 1.40 -3.21 27.83
C LYS C 208 0.43 -4.34 28.18
N THR C 209 -0.19 -4.24 29.34
CA THR C 209 -1.08 -5.27 29.83
C THR C 209 -2.38 -4.65 30.30
N VAL C 210 -3.45 -5.45 30.22
CA VAL C 210 -4.75 -5.10 30.79
C VAL C 210 -5.35 -6.37 31.37
N ALA C 211 -6.28 -6.18 32.31
CA ALA C 211 -6.93 -7.31 32.96
C ALA C 211 -8.40 -7.00 33.19
N PRO C 212 -9.26 -8.03 33.19
CA PRO C 212 -10.66 -7.77 33.52
C PRO C 212 -10.87 -7.40 34.98
N THR C 213 -10.09 -7.97 35.89
CA THR C 213 -10.20 -7.76 37.35
C THR C 213 -11.10 -6.60 37.75
N NH4 D . 8.55 -3.22 -3.09
HN1 NH4 D . 9.34 -2.66 -2.89
HN2 NH4 D . 7.94 -3.20 -2.32
HN3 NH4 D . 8.09 -2.85 -3.87
HN4 NH4 D . 8.84 -4.13 -3.27
#